data_4UU5
#
_entry.id   4UU5
#
_cell.length_a   74.730
_cell.length_b   74.730
_cell.length_c   42.710
_cell.angle_alpha   90.00
_cell.angle_beta   90.00
_cell.angle_gamma   90.00
#
_symmetry.space_group_name_H-M   'P 41 2 2'
#
loop_
_entity.id
_entity.type
_entity.pdbx_description
1 polymer 'MAGUK P55 SUBFAMILY MEMBER 5'
2 polymer 'PROTEIN CRUMBS HOMOLOG 1'
3 non-polymer 'CHLORIDE ION'
4 non-polymer 'SODIUM ION'
5 non-polymer 2,2,4,4,6,6,8-heptamethylnonane
6 water water
#
loop_
_entity_poly.entity_id
_entity_poly.type
_entity_poly.pdbx_seq_one_letter_code
_entity_poly.pdbx_strand_id
1 'polypeptide(L)'
;GPLGSGETVKIVRIEKARDIPLGATVRNEMDSVIISRIVKGGAAEKSGLLHEGDEVLEINGIEIRGKDVNEVFDLLSDMH
GTLTFVLIPS
;
A
2 'polypeptide(L)' RVEMWNLMPPPA(SME)ERLI B
#
loop_
_chem_comp.id
_chem_comp.type
_chem_comp.name
_chem_comp.formula
CL non-polymer 'CHLORIDE ION' 'Cl -1'
NA non-polymer 'SODIUM ION' 'Na 1'
PUN non-polymer 2,2,4,4,6,6,8-heptamethylnonane 'C16 H34'
#
# COMPACT_ATOMS: atom_id res chain seq x y z
N GLY A 1 -16.51 15.30 1.67
N GLY A 1 -15.51 14.71 4.33
CA GLY A 1 -15.56 15.56 2.72
CA GLY A 1 -15.36 14.71 2.88
C GLY A 1 -14.14 15.48 2.22
C GLY A 1 -15.95 15.96 2.25
N PRO A 2 -13.76 16.41 1.34
N PRO A 2 -15.20 16.58 1.32
CA PRO A 2 -12.45 16.33 0.65
CA PRO A 2 -13.94 16.06 0.76
C PRO A 2 -11.25 16.72 1.49
C PRO A 2 -12.73 16.18 1.70
N LEU A 3 -11.47 17.32 2.66
N LEU A 3 -12.81 17.02 2.71
CA LEU A 3 -10.33 17.75 3.48
CA LEU A 3 -11.67 17.25 3.58
C LEU A 3 -9.87 16.67 4.48
C LEU A 3 -11.63 16.22 4.69
N GLY A 4 -10.81 15.98 5.12
N GLY A 4 -10.42 15.90 5.11
CA GLY A 4 -10.46 14.98 6.13
CA GLY A 4 -10.24 14.97 6.18
C GLY A 4 -10.13 13.59 5.61
C GLY A 4 -10.28 13.55 5.67
N SER A 5 -9.73 12.69 6.50
CA SER A 5 -9.42 11.33 6.09
CA SER A 5 -9.42 11.31 6.14
C SER A 5 -10.53 10.31 6.40
N GLY A 6 -11.65 10.80 6.92
CA GLY A 6 -12.85 9.99 7.05
C GLY A 6 -13.02 9.29 8.37
N GLU A 7 -14.02 8.44 8.42
CA GLU A 7 -14.50 7.85 9.67
C GLU A 7 -14.42 6.33 9.66
N THR A 8 -13.56 5.76 8.79
CA THR A 8 -13.44 4.30 8.73
C THR A 8 -12.02 3.84 8.43
N VAL A 9 -11.72 2.70 9.05
CA VAL A 9 -10.58 1.89 8.61
C VAL A 9 -11.02 0.47 8.41
N LYS A 10 -10.25 -0.22 7.57
CA LYS A 10 -10.47 -1.64 7.28
C LYS A 10 -9.24 -2.40 7.71
N ILE A 11 -9.45 -3.47 8.44
CA ILE A 11 -8.33 -4.31 8.87
C ILE A 11 -8.41 -5.61 8.12
N VAL A 12 -7.30 -6.02 7.49
CA VAL A 12 -7.30 -7.28 6.74
CA VAL A 12 -7.24 -7.22 6.64
C VAL A 12 -6.07 -8.08 7.12
N ARG A 13 -6.27 -9.42 7.13
CA ARG A 13 -5.19 -10.35 7.41
C ARG A 13 -4.89 -11.13 6.15
N ILE A 14 -3.61 -11.16 5.77
CA ILE A 14 -3.18 -11.84 4.54
CA ILE A 14 -3.20 -11.88 4.59
C ILE A 14 -1.91 -12.64 4.88
N GLU A 15 -1.83 -13.85 4.39
CA GLU A 15 -0.67 -14.69 4.64
CA GLU A 15 -0.67 -14.69 4.64
C GLU A 15 0.45 -14.41 3.65
N LYS A 16 1.65 -14.13 4.17
CA LYS A 16 2.83 -13.91 3.31
C LYS A 16 3.85 -15.03 3.50
N ALA A 17 4.40 -15.55 2.41
CA ALA A 17 5.47 -16.58 2.49
C ALA A 17 6.82 -15.89 2.59
N ARG A 18 7.72 -16.52 3.32
CA ARG A 18 9.07 -16.02 3.42
C ARG A 18 9.70 -15.89 2.04
N ASP A 19 10.27 -14.72 1.79
CA ASP A 19 11.04 -14.43 0.59
C ASP A 19 10.24 -14.53 -0.69
N ILE A 20 8.91 -14.40 -0.61
CA ILE A 20 8.05 -14.30 -1.81
C ILE A 20 7.15 -13.08 -1.61
N PRO A 21 7.20 -12.11 -2.53
CA PRO A 21 6.31 -10.97 -2.39
C PRO A 21 4.84 -11.35 -2.31
N LEU A 22 4.07 -10.57 -1.55
CA LEU A 22 2.66 -10.79 -1.42
CA LEU A 22 2.63 -10.74 -1.46
C LEU A 22 1.93 -10.58 -2.76
N GLY A 23 2.53 -9.80 -3.66
CA GLY A 23 1.93 -9.60 -4.96
C GLY A 23 1.03 -8.39 -5.04
N ALA A 24 1.45 -7.28 -4.43
CA ALA A 24 0.78 -5.98 -4.59
C ALA A 24 1.87 -4.95 -4.76
N THR A 25 1.59 -3.89 -5.48
CA THR A 25 2.54 -2.79 -5.54
C THR A 25 2.00 -1.57 -4.80
N VAL A 26 2.91 -0.67 -4.41
CA VAL A 26 2.54 0.53 -3.69
C VAL A 26 3.26 1.73 -4.33
N ARG A 27 2.62 2.90 -4.17
CA ARG A 27 3.18 4.19 -4.55
C ARG A 27 3.01 5.18 -3.40
N ASN A 28 3.78 6.28 -3.41
CA ASN A 28 3.48 7.36 -2.48
C ASN A 28 2.58 8.43 -3.07
N GLU A 29 1.68 8.96 -2.24
N GLU A 29 1.70 8.96 -2.22
CA GLU A 29 1.12 10.26 -2.53
CA GLU A 29 0.96 10.18 -2.48
C GLU A 29 1.57 11.12 -1.33
C GLU A 29 0.87 10.88 -1.14
N MET A 30 2.74 11.77 -1.45
N MET A 30 1.44 12.09 -1.03
CA MET A 30 3.35 12.46 -0.30
CA MET A 30 1.24 12.95 0.14
C MET A 30 3.72 11.47 0.83
C MET A 30 1.32 12.27 1.53
N ASP A 31 3.24 11.70 2.05
N ASP A 31 2.53 11.89 1.94
CA ASP A 31 3.58 10.76 3.13
CA ASP A 31 2.81 11.07 3.14
C ASP A 31 2.93 9.39 2.92
C ASP A 31 2.30 9.62 2.99
N SER A 32 1.76 9.41 2.30
N SER A 32 1.35 9.46 2.09
CA SER A 32 0.96 8.19 2.32
CA SER A 32 0.60 8.21 2.06
C SER A 32 1.48 7.14 1.36
C SER A 32 1.28 7.15 1.22
N VAL A 33 1.03 5.92 1.64
CA VAL A 33 1.44 4.72 0.90
C VAL A 33 0.14 4.10 0.37
N ILE A 34 0.00 4.01 -0.96
CA ILE A 34 -1.27 3.63 -1.60
C ILE A 34 -1.07 2.37 -2.43
N ILE A 35 -1.95 1.38 -2.27
CA ILE A 35 -1.93 0.19 -3.12
C ILE A 35 -2.19 0.60 -4.56
N SER A 36 -1.37 0.10 -5.47
CA SER A 36 -1.51 0.51 -6.84
CA SER A 36 -1.36 0.52 -6.87
C SER A 36 -1.94 -0.62 -7.76
N ARG A 37 -1.14 -1.68 -7.89
CA ARG A 37 -1.54 -2.76 -8.80
C ARG A 37 -1.38 -4.11 -8.09
N ILE A 38 -1.98 -5.14 -8.67
CA ILE A 38 -2.07 -6.45 -8.06
C ILE A 38 -1.48 -7.52 -9.02
N VAL A 39 -0.66 -8.42 -8.49
CA VAL A 39 -0.08 -9.50 -9.29
C VAL A 39 -1.07 -10.65 -9.47
N LYS A 40 -1.28 -11.09 -10.71
CA LYS A 40 -2.17 -12.21 -10.96
CA LYS A 40 -2.17 -12.21 -10.99
C LYS A 40 -1.70 -13.49 -10.31
N GLY A 41 -2.61 -14.11 -9.54
CA GLY A 41 -2.33 -15.38 -8.87
C GLY A 41 -1.56 -15.27 -7.55
N GLY A 42 -1.20 -14.07 -7.13
CA GLY A 42 -0.42 -13.91 -5.91
C GLY A 42 -1.31 -13.91 -4.68
N ALA A 43 -0.68 -13.84 -3.52
CA ALA A 43 -1.43 -13.90 -2.27
C ALA A 43 -2.44 -12.73 -2.13
N ALA A 44 -2.03 -11.53 -2.56
CA ALA A 44 -2.93 -10.37 -2.46
C ALA A 44 -4.16 -10.59 -3.33
N GLU A 45 -3.99 -11.04 -4.58
CA GLU A 45 -5.15 -11.26 -5.42
C GLU A 45 -6.04 -12.34 -4.80
N LYS A 46 -5.45 -13.45 -4.39
CA LYS A 46 -6.26 -14.57 -3.88
C LYS A 46 -7.07 -14.15 -2.66
N SER A 47 -6.55 -13.24 -1.85
CA SER A 47 -7.25 -12.82 -0.64
C SER A 47 -8.49 -12.02 -1.00
N GLY A 48 -8.43 -11.29 -2.11
CA GLY A 48 -9.48 -10.36 -2.47
C GLY A 48 -9.64 -9.18 -1.53
N LEU A 49 -8.63 -8.90 -0.71
CA LEU A 49 -8.79 -7.88 0.32
C LEU A 49 -7.93 -6.62 0.16
N LEU A 50 -7.10 -6.56 -0.88
CA LEU A 50 -6.28 -5.37 -1.15
C LEU A 50 -6.60 -4.84 -2.55
N HIS A 51 -6.93 -3.55 -2.65
CA HIS A 51 -7.38 -3.00 -3.93
C HIS A 51 -6.74 -1.66 -4.22
N GLU A 52 -6.67 -1.33 -5.52
CA GLU A 52 -6.15 -0.01 -5.93
CA GLU A 52 -6.13 -0.04 -5.95
C GLU A 52 -6.78 1.12 -5.17
N GLY A 53 -5.94 2.01 -4.63
CA GLY A 53 -6.42 3.22 -3.95
C GLY A 53 -6.47 3.07 -2.43
N ASP A 54 -6.40 1.82 -1.94
CA ASP A 54 -6.36 1.59 -0.49
C ASP A 54 -5.08 2.23 0.09
N GLU A 55 -5.23 3.00 1.17
CA GLU A 55 -4.08 3.60 1.82
C GLU A 55 -3.62 2.70 2.98
N VAL A 56 -2.33 2.36 3.00
CA VAL A 56 -1.79 1.52 4.07
C VAL A 56 -1.28 2.39 5.21
N LEU A 57 -1.94 2.30 6.35
CA LEU A 57 -1.53 3.05 7.54
C LEU A 57 -0.49 2.32 8.37
N GLU A 58 -0.66 1.01 8.53
CA GLU A 58 0.17 0.19 9.44
C GLU A 58 0.13 -1.24 8.96
N ILE A 59 1.22 -1.97 9.21
CA ILE A 59 1.26 -3.41 8.99
C ILE A 59 1.93 -4.01 10.23
N ASN A 60 1.25 -4.92 10.91
CA ASN A 60 1.86 -5.60 12.07
C ASN A 60 2.46 -4.65 13.10
N GLY A 61 1.77 -3.54 13.33
CA GLY A 61 2.23 -2.60 14.35
C GLY A 61 3.29 -1.63 13.88
N ILE A 62 3.74 -1.74 12.62
CA ILE A 62 4.75 -0.85 12.06
C ILE A 62 3.99 0.29 11.38
N GLU A 63 4.32 1.52 11.74
CA GLU A 63 3.71 2.70 11.10
C GLU A 63 4.24 2.84 9.69
N ILE A 64 3.37 2.71 8.68
CA ILE A 64 3.76 2.73 7.28
C ILE A 64 3.55 4.11 6.66
N ARG A 65 2.48 4.79 7.05
CA ARG A 65 2.26 6.15 6.61
CA ARG A 65 2.26 6.15 6.61
C ARG A 65 3.49 7.01 6.95
N GLY A 66 3.93 7.80 5.97
CA GLY A 66 5.11 8.63 6.14
C GLY A 66 6.39 8.04 5.57
N LYS A 67 6.38 6.74 5.24
CA LYS A 67 7.55 6.08 4.67
C LYS A 67 7.58 6.19 3.17
N ASP A 68 8.79 6.32 2.61
CA ASP A 68 8.92 6.24 1.19
C ASP A 68 8.69 4.79 0.75
N VAL A 69 8.14 4.60 -0.44
CA VAL A 69 7.93 3.21 -0.89
C VAL A 69 9.23 2.39 -1.00
N ASN A 70 10.38 3.04 -1.17
CA ASN A 70 11.63 2.28 -1.15
CA ASN A 70 11.64 2.27 -1.14
C ASN A 70 11.86 1.63 0.22
N GLU A 71 11.51 2.33 1.28
CA GLU A 71 11.60 1.79 2.64
CA GLU A 71 11.63 1.76 2.62
C GLU A 71 10.58 0.65 2.86
N VAL A 72 9.35 0.86 2.38
CA VAL A 72 8.32 -0.18 2.51
C VAL A 72 8.76 -1.45 1.76
N PHE A 73 9.33 -1.25 0.59
CA PHE A 73 9.82 -2.38 -0.16
C PHE A 73 10.81 -3.23 0.67
N ASP A 74 11.77 -2.58 1.30
CA ASP A 74 12.76 -3.30 2.08
C ASP A 74 12.12 -3.99 3.30
N LEU A 75 11.24 -3.30 4.01
CA LEU A 75 10.59 -3.86 5.18
CA LEU A 75 10.60 -3.88 5.19
C LEU A 75 9.84 -5.15 4.82
N LEU A 76 8.99 -5.08 3.78
CA LEU A 76 8.15 -6.24 3.46
C LEU A 76 8.99 -7.43 3.02
N SER A 77 10.14 -7.17 2.40
CA SER A 77 11.01 -8.25 1.97
CA SER A 77 11.04 -8.22 1.95
C SER A 77 11.55 -9.06 3.13
N ASP A 78 11.46 -8.53 4.35
CA ASP A 78 11.95 -9.19 5.55
C ASP A 78 10.82 -9.78 6.39
N MET A 79 9.59 -9.78 5.89
CA MET A 79 8.44 -10.23 6.67
C MET A 79 7.83 -11.51 6.14
N HIS A 80 7.19 -12.26 7.04
CA HIS A 80 6.42 -13.44 6.63
C HIS A 80 5.39 -13.76 7.71
N GLY A 81 4.50 -14.68 7.39
CA GLY A 81 3.46 -15.08 8.32
C GLY A 81 2.17 -14.31 8.06
N THR A 82 1.32 -14.24 9.09
CA THR A 82 0.10 -13.48 8.94
C THR A 82 0.40 -12.00 9.05
N LEU A 83 0.06 -11.26 8.01
CA LEU A 83 0.23 -9.79 8.08
C LEU A 83 -1.11 -9.12 8.26
N THR A 84 -1.21 -8.27 9.26
CA THR A 84 -2.45 -7.53 9.55
C THR A 84 -2.25 -6.09 9.06
N PHE A 85 -2.96 -5.72 7.99
CA PHE A 85 -2.91 -4.39 7.44
C PHE A 85 -4.02 -3.53 8.01
N VAL A 86 -3.72 -2.26 8.34
CA VAL A 86 -4.77 -1.29 8.67
C VAL A 86 -4.79 -0.35 7.50
N LEU A 87 -5.96 -0.25 6.84
CA LEU A 87 -6.14 0.47 5.58
C LEU A 87 -7.22 1.53 5.68
N ILE A 88 -7.09 2.56 4.86
CA ILE A 88 -8.25 3.40 4.53
C ILE A 88 -8.69 2.96 3.16
N PRO A 89 -9.89 2.36 3.04
CA PRO A 89 -10.25 1.84 1.72
C PRO A 89 -10.41 2.96 0.71
N SER A 90 -10.10 2.60 -0.54
CA SER A 90 -10.23 3.54 -1.65
C SER A 90 -11.56 4.29 -1.69
N MET B 4 1.52 18.97 -24.15
CA MET B 4 1.03 18.20 -23.01
C MET B 4 2.17 17.48 -22.30
N TRP B 5 3.08 16.90 -23.08
N TRP B 5 3.07 16.88 -23.06
CA TRP B 5 4.18 16.09 -22.54
CA TRP B 5 4.14 16.06 -22.48
C TRP B 5 5.07 16.81 -21.52
C TRP B 5 5.07 16.81 -21.52
N ASN B 6 4.69 18.03 -21.14
CA ASN B 6 5.52 18.83 -20.27
C ASN B 6 4.81 19.50 -19.09
N LEU B 7 3.52 19.76 -19.21
CA LEU B 7 2.75 20.19 -18.05
C LEU B 7 2.26 19.04 -17.14
N MET B 8 2.15 17.83 -17.69
CA MET B 8 1.55 16.75 -16.94
C MET B 8 2.48 16.29 -15.83
N PRO B 9 1.91 16.01 -14.66
CA PRO B 9 2.73 15.46 -13.57
C PRO B 9 3.36 14.10 -13.98
N PRO B 10 4.57 13.81 -13.51
CA PRO B 10 5.20 12.52 -13.86
C PRO B 10 4.58 11.37 -13.08
N PRO B 11 4.87 10.13 -13.48
CA PRO B 11 4.26 9.01 -12.76
C PRO B 11 4.91 8.88 -11.38
N ALA B 12 4.12 8.41 -10.44
CA ALA B 12 4.65 8.05 -9.12
C ALA B 12 5.46 6.75 -9.20
N SME B 13 6.53 6.67 -8.43
CA SME B 13 7.32 5.47 -8.35
CA SME B 13 7.32 5.45 -8.34
CB SME B 13 8.52 5.77 -7.47
CB SME B 13 8.49 5.63 -7.36
CG SME B 13 9.56 4.68 -7.39
CG SME B 13 9.23 4.33 -7.10
S SME B 13 10.65 4.59 -8.78
S SME B 13 10.36 4.01 -8.41
OE SME B 13 10.22 5.45 -9.94
CE SME B 13 10.48 2.86 -9.03
CE SME B 13 10.22 2.29 -8.56
C SME B 13 6.46 4.35 -7.70
O SME B 13 5.75 4.53 -6.71
N GLU B 14 6.56 3.14 -8.27
CA GLU B 14 5.80 1.96 -7.83
C GLU B 14 6.80 0.92 -7.34
N ARG B 15 6.56 0.28 -6.20
CA ARG B 15 7.45 -0.79 -5.73
C ARG B 15 6.59 -2.01 -5.35
N LEU B 16 7.19 -3.20 -5.56
CA LEU B 16 6.52 -4.50 -5.30
C LEU B 16 6.71 -4.92 -3.86
N ILE B 17 5.60 -5.34 -3.25
CA ILE B 17 5.60 -5.98 -1.92
C ILE B 17 4.97 -7.38 -1.91
CL CL C . 2.67 -16.57 -1.68
CL CL D . -7.77 16.47 3.39
CL CL E . 12.14 3.77 -5.07
CL CL F . 8.89 -19.45 1.43
CL CL G . -16.28 8.56 6.18
CL CL H . 6.89 -19.24 4.51
CL CL I . -14.37 -2.14 4.65
NA NA J . 14.71 -10.48 3.62
C PUN K . 6.42 -21.56 11.17
C1 PUN K . 5.12 -20.83 10.87
C2 PUN K . 6.26 -23.07 11.00
C3 PUN K . 7.55 -21.07 10.26
C4 PUN K . 8.61 -20.17 10.89
C5 PUN K . 8.03 -18.78 11.07
C6 PUN K . 9.07 -20.62 12.27
C7 PUN K . 9.93 -20.20 10.06
C8 PUN K . 10.06 -19.56 8.68
C9 PUN K . 10.88 -20.54 7.88
C10 PUN K . 8.79 -19.49 7.84
C11 PUN K . 10.79 -18.20 8.80
C12 PUN K . 12.08 -17.82 8.00
C13 PUN K . 11.87 -17.67 6.53
C14 PUN K . 13.36 -18.63 8.17
C15 PUN K . 12.42 -16.38 8.38
H PUN K . 6.70 -21.36 12.21
H1 PUN K . 5.25 -19.79 11.03
H1A PUN K . 4.84 -21.01 9.87
H1B PUN K . 4.36 -21.20 11.52
H2 PUN K . 6.02 -23.29 9.99
H2A PUN K . 7.16 -23.55 11.26
H2B PUN K . 5.48 -23.41 11.64
H3 PUN K . 8.05 -21.95 9.84
H3A PUN K . 7.10 -20.54 9.42
H5 PUN K . 8.74 -18.17 11.58
H5A PUN K . 7.81 -18.36 10.13
H5B PUN K . 7.14 -18.84 11.64
H6 PUN K . 9.81 -19.95 12.64
H6A PUN K . 8.24 -20.63 12.93
H6B PUN K . 9.48 -21.59 12.20
H7 PUN K . 10.70 -19.76 10.69
H7A PUN K . 10.19 -21.26 9.96
H9 PUN K . 11.04 -20.16 6.91
H9A PUN K . 11.81 -20.70 8.37
H9B PUN K . 10.36 -21.47 7.82
H10 PUN K . 9.03 -19.17 6.86
H10A PUN K . 8.34 -20.45 7.80
H10B PUN K . 8.12 -18.80 8.28
H11 PUN K . 11.04 -18.07 9.85
H11A PUN K . 10.05 -17.43 8.56
H13 PUN K . 11.51 -18.58 6.13
H13A PUN K . 11.15 -16.91 6.35
H13B PUN K . 12.78 -17.41 6.06
H14 PUN K . 13.23 -19.57 7.70
H14A PUN K . 13.55 -18.77 9.20
H14B PUN K . 14.16 -18.10 7.71
H15 PUN K . 12.60 -16.33 9.42
H15A PUN K . 13.29 -16.07 7.86
H15B PUN K . 11.61 -15.74 8.13
CL CL L . 9.90 -2.90 -7.03
#